data_7Q36
#
_entry.id   7Q36
#
_cell.length_a   40.489
_cell.length_b   82.180
_cell.length_c   233.442
_cell.angle_alpha   90.00
_cell.angle_beta   90.00
_cell.angle_gamma   90.00
#
_symmetry.space_group_name_H-M   'I 2 2 2'
#
loop_
_entity.id
_entity.type
_entity.pdbx_description
1 polymer 'Sodium pumping rhodopsin'
2 non-polymer EICOSANE
3 non-polymer HEXANE
4 non-polymer 'SODIUM ION'
5 non-polymer KRYPTON
6 non-polymer RETINAL
7 water water
#
_entity_poly.entity_id   1
_entity_poly.type   'polypeptide(L)'
_entity_poly.pdbx_seq_one_letter_code
;MTQELGNANFENFIGATEGFSEIAYQFTSHILTLGYAVMLAGLLYFILTIKNVDKKFQMSNILSAVVMVSAFLLLYAQAQ
NWTSSFTFNEEVGRYFLDPSGDLFNNGYRYLNWLIDVPMLLFQILFVVSLTTSKFSSVRNQFWFSGAMMIITGYIGQFYE
VSNLTAFLVWGAISSAFFFHILWVMKKVINEGKEGISPAGQKILSNIWILFLISWTLYPGAYLMPYLTGVDGFLYSEDGV
MARQLVYTIADVSSKVIYGVLLGNLAITLSKNKELVEANS
;
_entity_poly.pdbx_strand_id   A
#
# COMPACT_ATOMS: atom_id res chain seq x y z
N THR A 2 -3.79 4.52 -32.94
CA THR A 2 -3.65 4.78 -31.47
C THR A 2 -2.39 4.08 -30.94
N GLN A 3 -2.03 4.35 -29.69
CA GLN A 3 -0.77 3.88 -29.04
C GLN A 3 -0.87 2.37 -28.74
N GLU A 4 -0.06 1.55 -29.41
CA GLU A 4 0.03 0.08 -29.19
C GLU A 4 0.96 -0.21 -28.01
N LEU A 5 2.07 0.54 -27.90
CA LEU A 5 3.17 0.29 -26.91
C LEU A 5 2.66 0.59 -25.50
N GLY A 6 2.26 1.83 -25.23
CA GLY A 6 1.84 2.24 -23.88
C GLY A 6 0.34 2.19 -23.64
N ASN A 7 -0.28 1.04 -23.85
CA ASN A 7 -1.74 0.94 -23.59
C ASN A 7 -1.95 0.23 -22.26
N ALA A 8 -0.91 -0.44 -21.78
CA ALA A 8 -0.96 -1.20 -20.51
C ALA A 8 -1.46 -0.40 -19.32
N ASN A 9 -0.74 0.62 -18.89
CA ASN A 9 -1.19 1.42 -17.74
C ASN A 9 -1.01 2.91 -18.02
N PHE A 10 -1.29 3.73 -17.03
CA PHE A 10 -1.20 5.21 -17.17
C PHE A 10 0.27 5.62 -17.32
N GLU A 11 1.18 5.01 -16.55
CA GLU A 11 2.63 5.33 -16.54
C GLU A 11 3.20 5.12 -17.95
N ASN A 12 2.92 3.96 -18.55
CA ASN A 12 3.37 3.59 -19.92
C ASN A 12 2.81 4.59 -20.93
N PHE A 13 1.53 4.92 -20.83
CA PHE A 13 0.81 5.85 -21.75
C PHE A 13 1.53 7.19 -21.79
N ILE A 14 1.73 7.82 -20.63
CA ILE A 14 2.41 9.14 -20.51
C ILE A 14 3.86 9.00 -21.01
N GLY A 15 4.48 7.84 -20.75
CA GLY A 15 5.86 7.55 -21.17
C GLY A 15 5.99 7.40 -22.67
N ALA A 16 4.94 6.89 -23.32
CA ALA A 16 4.89 6.58 -24.77
C ALA A 16 4.50 7.81 -25.60
N THR A 17 3.94 8.85 -24.96
CA THR A 17 3.35 10.04 -25.63
C THR A 17 4.15 11.29 -25.25
N GLU A 18 3.97 11.79 -24.03
CA GLU A 18 4.54 13.07 -23.51
C GLU A 18 5.97 12.84 -23.03
N GLY A 19 6.32 11.60 -22.65
CA GLY A 19 7.59 11.27 -21.96
C GLY A 19 7.60 11.86 -20.56
N PHE A 20 8.72 11.76 -19.85
CA PHE A 20 8.93 12.34 -18.50
C PHE A 20 10.13 13.28 -18.52
N SER A 21 10.01 14.46 -17.90
CA SER A 21 11.15 15.35 -17.59
C SER A 21 12.15 14.58 -16.73
N GLU A 22 13.43 14.94 -16.77
CA GLU A 22 14.49 14.26 -15.96
C GLU A 22 14.19 14.44 -14.47
N ILE A 23 13.55 15.55 -14.08
CA ILE A 23 13.11 15.84 -12.68
C ILE A 23 12.08 14.77 -12.26
N ALA A 24 11.03 14.58 -13.05
CA ALA A 24 9.90 13.67 -12.75
C ALA A 24 10.44 12.23 -12.64
N TYR A 25 11.22 11.78 -13.63
CA TYR A 25 11.83 10.42 -13.71
C TYR A 25 12.76 10.21 -12.51
N GLN A 26 13.67 11.15 -12.24
CA GLN A 26 14.65 11.01 -11.14
C GLN A 26 13.89 11.01 -9.80
N PHE A 27 12.95 11.93 -9.61
CA PHE A 27 12.14 12.05 -8.36
C PHE A 27 11.46 10.72 -8.07
N THR A 28 10.74 10.18 -9.05
CA THR A 28 9.99 8.90 -8.95
C THR A 28 10.97 7.77 -8.63
N SER A 29 12.12 7.75 -9.27
CA SER A 29 13.20 6.75 -9.06
C SER A 29 13.62 6.76 -7.58
N HIS A 30 13.94 7.94 -7.04
CA HIS A 30 14.46 8.14 -5.66
C HIS A 30 13.38 7.77 -4.64
N ILE A 31 12.12 8.09 -4.92
CA ILE A 31 10.99 7.86 -3.98
C ILE A 31 10.73 6.35 -3.88
N LEU A 32 10.82 5.63 -4.99
CA LEU A 32 10.67 4.15 -5.03
C LEU A 32 11.84 3.49 -4.28
N THR A 33 13.06 3.99 -4.49
CA THR A 33 14.28 3.49 -3.79
C THR A 33 14.13 3.69 -2.28
N LEU A 34 13.73 4.90 -1.86
CA LEU A 34 13.48 5.24 -0.43
C LEU A 34 12.40 4.30 0.12
N GLY A 35 11.39 4.00 -0.70
CA GLY A 35 10.36 2.99 -0.40
C GLY A 35 10.97 1.70 0.11
N TYR A 36 11.70 0.97 -0.72
CA TYR A 36 12.23 -0.37 -0.39
C TYR A 36 13.32 -0.24 0.67
N ALA A 37 14.05 0.88 0.69
CA ALA A 37 15.09 1.17 1.72
C ALA A 37 14.44 1.14 3.12
N VAL A 38 13.26 1.76 3.27
CA VAL A 38 12.53 1.89 4.57
C VAL A 38 12.03 0.49 5.00
N MET A 39 11.58 -0.33 4.04
CA MET A 39 11.14 -1.73 4.30
C MET A 39 12.30 -2.57 4.85
N LEU A 40 13.52 -2.38 4.33
CA LEU A 40 14.74 -3.11 4.78
C LEU A 40 15.09 -2.68 6.20
N ALA A 41 14.94 -1.39 6.50
CA ALA A 41 15.16 -0.82 7.85
C ALA A 41 14.06 -1.32 8.81
N GLY A 42 12.81 -1.36 8.32
CA GLY A 42 11.68 -1.95 9.05
C GLY A 42 11.94 -3.40 9.41
N LEU A 43 12.38 -4.21 8.45
CA LEU A 43 12.66 -5.66 8.64
C LEU A 43 13.60 -5.84 9.84
N LEU A 44 14.68 -5.05 9.90
CA LEU A 44 15.73 -5.19 10.95
C LEU A 44 15.17 -4.67 12.29
N TYR A 45 14.28 -3.68 12.25
CA TYR A 45 13.63 -3.14 13.47
C TYR A 45 12.80 -4.25 14.10
N PHE A 46 11.91 -4.88 13.33
CA PHE A 46 10.95 -5.89 13.85
C PHE A 46 11.69 -7.13 14.35
N ILE A 47 12.78 -7.51 13.66
CA ILE A 47 13.66 -8.65 14.05
C ILE A 47 14.28 -8.34 15.42
N LEU A 48 14.95 -7.18 15.55
CA LEU A 48 15.77 -6.82 16.73
C LEU A 48 14.89 -6.55 17.96
N THR A 49 13.62 -6.15 17.78
CA THR A 49 12.73 -5.66 18.88
C THR A 49 11.79 -6.76 19.39
N ILE A 50 11.76 -7.93 18.76
CA ILE A 50 10.77 -8.99 19.10
C ILE A 50 10.93 -9.40 20.55
N LYS A 51 12.16 -9.31 21.09
CA LYS A 51 12.48 -9.65 22.51
C LYS A 51 11.83 -8.67 23.49
N ASN A 52 11.35 -7.51 23.02
CA ASN A 52 10.76 -6.44 23.88
C ASN A 52 9.28 -6.70 24.18
N VAL A 53 8.66 -7.73 23.59
CA VAL A 53 7.21 -8.04 23.78
C VAL A 53 7.07 -9.44 24.35
N ASP A 54 6.08 -9.67 25.22
CA ASP A 54 5.74 -11.00 25.76
C ASP A 54 5.36 -11.92 24.61
N LYS A 55 5.65 -13.23 24.76
CA LYS A 55 5.41 -14.29 23.74
C LYS A 55 4.02 -14.12 23.14
N LYS A 56 3.04 -13.84 23.98
CA LYS A 56 1.62 -13.59 23.63
C LYS A 56 1.45 -12.75 22.37
N PHE A 57 2.31 -11.76 22.16
CA PHE A 57 2.12 -10.72 21.12
C PHE A 57 3.10 -10.89 19.95
N GLN A 58 4.06 -11.81 20.07
CA GLN A 58 5.21 -11.92 19.14
C GLN A 58 4.75 -12.30 17.72
N MET A 59 3.59 -12.93 17.58
CA MET A 59 3.01 -13.26 16.26
C MET A 59 2.74 -11.98 15.45
N SER A 60 2.41 -10.85 16.11
CA SER A 60 2.25 -9.52 15.47
C SER A 60 3.59 -9.04 14.89
N ASN A 61 4.67 -9.16 15.66
CA ASN A 61 6.03 -8.71 15.28
C ASN A 61 6.53 -9.60 14.13
N ILE A 62 6.23 -10.89 14.17
CA ILE A 62 6.56 -11.87 13.09
C ILE A 62 5.91 -11.41 11.79
N LEU A 63 4.58 -11.23 11.79
CA LEU A 63 3.80 -10.81 10.58
C LEU A 63 4.32 -9.47 10.05
N SER A 64 4.66 -8.51 10.93
CA SER A 64 5.32 -7.26 10.51
C SER A 64 6.59 -7.60 9.71
N ALA A 65 7.45 -8.47 10.25
CA ALA A 65 8.72 -8.91 9.62
C ALA A 65 8.47 -9.50 8.22
N VAL A 66 7.50 -10.41 8.10
CA VAL A 66 7.19 -11.10 6.82
C VAL A 66 6.67 -10.09 5.80
N VAL A 67 5.88 -9.11 6.25
CA VAL A 67 5.36 -7.99 5.40
C VAL A 67 6.55 -7.17 4.88
N MET A 68 7.50 -6.82 5.76
CA MET A 68 8.74 -6.07 5.41
C MET A 68 9.53 -6.83 4.34
N VAL A 69 9.68 -8.16 4.48
CA VAL A 69 10.42 -9.02 3.50
C VAL A 69 9.76 -8.88 2.13
N SER A 70 8.47 -9.19 2.03
CA SER A 70 7.68 -9.15 0.76
C SER A 70 7.72 -7.73 0.18
N ALA A 71 7.48 -6.71 1.01
CA ALA A 71 7.50 -5.28 0.62
C ALA A 71 8.87 -4.92 0.05
N PHE A 72 9.94 -5.12 0.81
CA PHE A 72 11.33 -4.83 0.34
C PHE A 72 11.54 -5.46 -1.04
N LEU A 73 11.31 -6.77 -1.15
CA LEU A 73 11.58 -7.56 -2.39
C LEU A 73 10.77 -7.02 -3.56
N LEU A 74 9.48 -6.77 -3.36
CA LEU A 74 8.56 -6.41 -4.48
C LEU A 74 8.71 -4.93 -4.85
N LEU A 75 8.92 -4.05 -3.86
CA LEU A 75 9.11 -2.59 -4.11
C LEU A 75 10.50 -2.34 -4.71
N TYR A 76 11.49 -3.18 -4.38
CA TYR A 76 12.81 -3.19 -5.05
C TYR A 76 12.59 -3.53 -6.53
N ALA A 77 11.82 -4.57 -6.84
CA ALA A 77 11.42 -4.96 -8.21
C ALA A 77 10.73 -3.80 -8.92
N GLN A 78 9.80 -3.12 -8.23
CA GLN A 78 9.02 -1.97 -8.78
C GLN A 78 9.98 -0.84 -9.15
N ALA A 79 11.00 -0.59 -8.33
CA ALA A 79 12.01 0.48 -8.54
C ALA A 79 12.83 0.16 -9.78
N GLN A 80 13.30 -1.09 -9.90
CA GLN A 80 14.06 -1.60 -11.07
C GLN A 80 13.19 -1.48 -12.31
N ASN A 81 11.91 -1.86 -12.19
CA ASN A 81 10.92 -1.85 -13.29
C ASN A 81 10.76 -0.43 -13.83
N TRP A 82 10.82 0.58 -12.95
CA TRP A 82 10.77 2.02 -13.33
C TRP A 82 11.98 2.38 -14.20
N THR A 83 13.19 2.25 -13.65
CA THR A 83 14.45 2.76 -14.27
C THR A 83 14.72 2.03 -15.60
N SER A 84 14.31 0.76 -15.70
CA SER A 84 14.49 -0.10 -16.90
C SER A 84 13.48 0.24 -17.99
N SER A 85 12.27 0.65 -17.62
CA SER A 85 11.12 0.86 -18.54
C SER A 85 11.28 2.14 -19.37
N PHE A 86 12.04 3.13 -18.89
CA PHE A 86 12.12 4.49 -19.48
C PHE A 86 13.58 4.89 -19.69
N THR A 87 13.94 5.22 -20.94
CA THR A 87 15.31 5.66 -21.36
C THR A 87 15.26 7.11 -21.85
N PHE A 88 16.38 7.82 -21.68
CA PHE A 88 16.54 9.24 -22.06
C PHE A 88 16.73 9.32 -23.57
N ASN A 89 16.06 10.28 -24.20
CA ASN A 89 16.26 10.66 -25.63
C ASN A 89 16.94 12.02 -25.67
N GLU A 90 18.18 12.07 -26.13
CA GLU A 90 19.04 13.30 -26.15
C GLU A 90 18.46 14.31 -27.14
N GLU A 91 17.71 13.85 -28.16
CA GLU A 91 17.07 14.72 -29.19
C GLU A 91 15.98 15.58 -28.55
N VAL A 92 15.10 14.98 -27.74
CA VAL A 92 13.90 15.65 -27.16
C VAL A 92 14.22 16.11 -25.72
N GLY A 93 15.13 15.43 -25.02
CA GLY A 93 15.61 15.82 -23.68
C GLY A 93 14.70 15.34 -22.56
N ARG A 94 13.98 14.24 -22.80
CA ARG A 94 12.99 13.65 -21.86
C ARG A 94 13.17 12.13 -21.86
N TYR A 95 12.56 11.44 -20.90
CA TYR A 95 12.55 9.96 -20.75
C TYR A 95 11.29 9.40 -21.41
N PHE A 96 11.44 8.40 -22.28
CA PHE A 96 10.33 7.77 -23.03
C PHE A 96 10.35 6.26 -22.80
N LEU A 97 9.17 5.64 -22.90
CA LEU A 97 8.99 4.16 -22.82
C LEU A 97 9.94 3.49 -23.82
N ASP A 98 10.86 2.67 -23.31
CA ASP A 98 11.95 2.02 -24.09
C ASP A 98 11.43 0.70 -24.66
N PRO A 99 11.29 0.58 -26.00
CA PRO A 99 10.76 -0.65 -26.61
C PRO A 99 11.62 -1.89 -26.34
N SER A 100 12.92 -1.71 -26.16
CA SER A 100 13.93 -2.80 -26.00
C SER A 100 13.89 -3.34 -24.56
N GLY A 101 13.36 -2.56 -23.61
CA GLY A 101 13.17 -2.97 -22.21
C GLY A 101 11.84 -3.67 -22.02
N ASP A 102 11.55 -4.10 -20.79
CA ASP A 102 10.22 -4.60 -20.36
C ASP A 102 9.41 -3.37 -19.93
N LEU A 103 8.12 -3.33 -20.25
CA LEU A 103 7.24 -2.16 -20.04
C LEU A 103 6.94 -2.01 -18.55
N PHE A 104 6.67 -0.80 -18.06
CA PHE A 104 6.36 -0.53 -16.63
C PHE A 104 5.10 -1.32 -16.24
N ASN A 105 5.09 -1.82 -15.01
CA ASN A 105 4.11 -2.83 -14.51
C ASN A 105 3.85 -2.60 -13.02
N ASN A 106 2.61 -2.25 -12.66
CA ASN A 106 2.18 -2.00 -11.26
C ASN A 106 1.87 -3.35 -10.58
N GLY A 107 1.92 -4.45 -11.34
CA GLY A 107 1.72 -5.83 -10.84
C GLY A 107 2.58 -6.16 -9.64
N TYR A 108 3.82 -5.66 -9.59
CA TYR A 108 4.74 -5.86 -8.44
C TYR A 108 4.06 -5.36 -7.15
N ARG A 109 3.59 -4.11 -7.18
CA ARG A 109 2.91 -3.46 -6.02
C ARG A 109 1.58 -4.18 -5.73
N TYR A 110 0.80 -4.52 -6.76
CA TYR A 110 -0.53 -5.17 -6.59
C TYR A 110 -0.34 -6.53 -5.92
N LEU A 111 0.65 -7.31 -6.37
CA LEU A 111 0.97 -8.65 -5.80
C LEU A 111 1.37 -8.49 -4.34
N ASN A 112 2.21 -7.49 -4.03
CA ASN A 112 2.59 -7.11 -2.65
C ASN A 112 1.32 -6.91 -1.81
N TRP A 113 0.34 -6.16 -2.33
CA TRP A 113 -0.93 -5.84 -1.62
C TRP A 113 -1.67 -7.13 -1.27
N LEU A 114 -1.81 -8.03 -2.24
CA LEU A 114 -2.53 -9.34 -2.10
C LEU A 114 -1.91 -10.14 -0.96
N ILE A 115 -0.58 -10.09 -0.81
CA ILE A 115 0.17 -10.85 0.24
C ILE A 115 0.02 -10.14 1.59
N ASP A 116 0.21 -8.81 1.64
CA ASP A 116 0.39 -8.04 2.90
C ASP A 116 -0.96 -7.65 3.51
N VAL A 117 -1.95 -7.26 2.70
CA VAL A 117 -3.28 -6.80 3.22
C VAL A 117 -3.80 -7.82 4.23
N PRO A 118 -3.90 -9.12 3.89
CA PRO A 118 -4.36 -10.13 4.84
C PRO A 118 -3.55 -10.17 6.15
N MET A 119 -2.22 -10.13 6.04
CA MET A 119 -1.29 -10.21 7.21
C MET A 119 -1.46 -8.97 8.08
N LEU A 120 -1.47 -7.78 7.47
CA LEU A 120 -1.64 -6.48 8.18
C LEU A 120 -2.97 -6.48 8.96
N LEU A 121 -4.07 -6.96 8.34
CA LEU A 121 -5.41 -7.01 8.98
C LEU A 121 -5.42 -8.05 10.10
N PHE A 122 -4.75 -9.19 9.88
CA PHE A 122 -4.71 -10.36 10.77
C PHE A 122 -3.95 -10.01 12.07
N GLN A 123 -2.85 -9.25 11.97
CA GLN A 123 -1.80 -9.14 13.02
C GLN A 123 -2.32 -8.34 14.23
N ILE A 124 -3.29 -7.46 14.05
CA ILE A 124 -3.86 -6.69 15.20
C ILE A 124 -4.61 -7.66 16.12
N LEU A 125 -5.13 -8.77 15.59
CA LEU A 125 -5.94 -9.75 16.38
C LEU A 125 -5.04 -10.53 17.34
N PHE A 126 -3.72 -10.35 17.24
CA PHE A 126 -2.72 -11.02 18.12
C PHE A 126 -2.28 -10.08 19.24
N VAL A 127 -2.59 -8.78 19.15
CA VAL A 127 -2.24 -7.77 20.19
C VAL A 127 -3.48 -7.46 21.04
N VAL A 128 -4.65 -7.28 20.40
CA VAL A 128 -5.94 -6.99 21.09
C VAL A 128 -6.67 -8.30 21.35
N SER A 129 -7.51 -8.32 22.39
CA SER A 129 -8.57 -9.33 22.64
C SER A 129 -9.91 -8.78 22.17
N LEU A 130 -10.62 -9.52 21.33
CA LEU A 130 -12.03 -9.19 21.00
C LEU A 130 -12.86 -9.38 22.27
N THR A 131 -14.09 -8.89 22.31
CA THR A 131 -15.03 -9.13 23.44
C THR A 131 -16.11 -10.10 22.95
N THR A 132 -17.05 -9.61 22.16
CA THR A 132 -18.29 -10.31 21.77
C THR A 132 -18.16 -10.92 20.36
N SER A 133 -17.05 -10.66 19.65
CA SER A 133 -16.75 -11.18 18.29
C SER A 133 -15.81 -12.39 18.36
N LYS A 134 -15.98 -13.34 17.45
CA LYS A 134 -15.11 -14.54 17.30
C LYS A 134 -13.89 -14.18 16.45
N PHE A 135 -12.70 -14.63 16.86
CA PHE A 135 -11.40 -14.43 16.16
C PHE A 135 -11.51 -14.92 14.70
N SER A 136 -12.06 -16.12 14.50
CA SER A 136 -12.18 -16.80 13.18
C SER A 136 -13.09 -15.99 12.25
N SER A 137 -14.20 -15.47 12.77
CA SER A 137 -15.18 -14.65 12.00
C SER A 137 -14.47 -13.41 11.45
N VAL A 138 -13.77 -12.67 12.32
CA VAL A 138 -13.07 -11.40 11.96
C VAL A 138 -11.98 -11.74 10.94
N ARG A 139 -11.15 -12.74 11.24
CA ARG A 139 -10.06 -13.23 10.35
C ARG A 139 -10.63 -13.49 8.96
N ASN A 140 -11.69 -14.31 8.86
CA ASN A 140 -12.33 -14.72 7.59
C ASN A 140 -12.87 -13.50 6.85
N GLN A 141 -13.57 -12.61 7.54
CA GLN A 141 -14.12 -11.34 6.98
C GLN A 141 -12.97 -10.53 6.38
N PHE A 142 -11.88 -10.38 7.12
CA PHE A 142 -10.69 -9.58 6.71
C PHE A 142 -10.10 -10.21 5.43
N TRP A 143 -9.71 -11.49 5.50
CA TRP A 143 -9.05 -12.24 4.41
C TRP A 143 -9.88 -12.18 3.12
N PHE A 144 -11.18 -12.43 3.21
CA PHE A 144 -12.09 -12.48 2.03
C PHE A 144 -12.22 -11.09 1.39
N SER A 145 -12.62 -10.09 2.19
CA SER A 145 -12.86 -8.70 1.72
C SER A 145 -11.56 -8.08 1.20
N GLY A 146 -10.43 -8.39 1.86
CA GLY A 146 -9.09 -7.92 1.46
C GLY A 146 -8.70 -8.43 0.10
N ALA A 147 -8.78 -9.76 -0.10
CA ALA A 147 -8.50 -10.44 -1.38
C ALA A 147 -9.38 -9.85 -2.48
N MET A 148 -10.70 -9.80 -2.25
CA MET A 148 -11.71 -9.27 -3.21
C MET A 148 -11.40 -7.80 -3.53
N MET A 149 -11.12 -6.98 -2.51
CA MET A 149 -10.77 -5.55 -2.71
C MET A 149 -9.61 -5.45 -3.72
N ILE A 150 -8.55 -6.25 -3.54
CA ILE A 150 -7.30 -6.16 -4.33
C ILE A 150 -7.52 -6.79 -5.72
N ILE A 151 -8.38 -7.81 -5.83
CA ILE A 151 -8.66 -8.54 -7.11
C ILE A 151 -9.50 -7.62 -8.02
N THR A 152 -10.60 -7.08 -7.51
CA THR A 152 -11.49 -6.14 -8.24
C THR A 152 -10.70 -4.90 -8.62
N GLY A 153 -9.84 -4.40 -7.71
CA GLY A 153 -8.97 -3.24 -7.94
C GLY A 153 -7.99 -3.50 -9.08
N TYR A 154 -7.40 -4.71 -9.10
CA TYR A 154 -6.43 -5.16 -10.14
C TYR A 154 -7.13 -5.24 -11.48
N ILE A 155 -8.30 -5.88 -11.53
CA ILE A 155 -9.17 -5.98 -12.74
C ILE A 155 -9.47 -4.57 -13.26
N GLY A 156 -9.95 -3.67 -12.39
CA GLY A 156 -10.26 -2.27 -12.74
C GLY A 156 -9.07 -1.55 -13.36
N GLN A 157 -7.87 -1.84 -12.87
CA GLN A 157 -6.60 -1.16 -13.24
C GLN A 157 -6.26 -1.45 -14.71
N PHE A 158 -6.70 -2.60 -15.27
CA PHE A 158 -6.46 -2.97 -16.69
C PHE A 158 -7.13 -1.96 -17.63
N TYR A 159 -8.35 -1.52 -17.29
CA TYR A 159 -9.19 -0.60 -18.10
C TYR A 159 -8.92 0.87 -17.74
N GLU A 160 -7.77 1.17 -17.12
CA GLU A 160 -7.42 2.50 -16.57
C GLU A 160 -7.33 3.53 -17.69
N VAL A 161 -6.74 3.17 -18.84
CA VAL A 161 -6.51 4.07 -20.01
C VAL A 161 -7.64 3.85 -21.03
N SER A 162 -7.96 2.59 -21.35
CA SER A 162 -8.81 2.20 -22.50
C SER A 162 -10.30 2.50 -22.22
N ASN A 163 -10.79 2.19 -21.02
CA ASN A 163 -12.25 2.23 -20.69
C ASN A 163 -12.45 2.74 -19.26
N LEU A 164 -12.63 4.05 -19.09
CA LEU A 164 -12.77 4.72 -17.77
C LEU A 164 -14.04 4.23 -17.06
N THR A 165 -15.11 3.93 -17.80
CA THR A 165 -16.40 3.43 -17.24
C THR A 165 -16.10 2.18 -16.41
N ALA A 166 -15.43 1.19 -17.01
CA ALA A 166 -15.01 -0.07 -16.37
C ALA A 166 -14.08 0.24 -15.18
N PHE A 167 -13.09 1.11 -15.39
CA PHE A 167 -12.10 1.56 -14.39
C PHE A 167 -12.80 1.95 -13.08
N LEU A 168 -13.82 2.79 -13.17
CA LEU A 168 -14.51 3.41 -12.01
C LEU A 168 -15.50 2.42 -11.39
N VAL A 169 -16.15 1.59 -12.21
CA VAL A 169 -17.17 0.60 -11.71
C VAL A 169 -16.45 -0.44 -10.85
N TRP A 170 -15.39 -1.06 -11.37
CA TRP A 170 -14.52 -2.02 -10.63
C TRP A 170 -13.91 -1.32 -9.40
N GLY A 171 -13.42 -0.09 -9.56
CA GLY A 171 -12.92 0.77 -8.46
C GLY A 171 -13.95 0.94 -7.34
N ALA A 172 -15.22 1.15 -7.70
CA ALA A 172 -16.34 1.31 -6.75
C ALA A 172 -16.65 -0.04 -6.08
N ILE A 173 -16.69 -1.12 -6.85
CA ILE A 173 -16.84 -2.51 -6.32
C ILE A 173 -15.72 -2.73 -5.28
N SER A 174 -14.48 -2.43 -5.66
CA SER A 174 -13.28 -2.53 -4.78
C SER A 174 -13.48 -1.66 -3.53
N SER A 175 -14.02 -0.45 -3.69
CA SER A 175 -14.30 0.51 -2.58
C SER A 175 -15.38 -0.05 -1.65
N ALA A 176 -16.28 -0.91 -2.14
CA ALA A 176 -17.35 -1.53 -1.34
C ALA A 176 -16.72 -2.46 -0.30
N PHE A 177 -15.80 -3.32 -0.72
CA PHE A 177 -15.02 -4.26 0.14
C PHE A 177 -14.14 -3.45 1.10
N PHE A 178 -13.57 -2.34 0.63
CA PHE A 178 -12.75 -1.40 1.43
C PHE A 178 -13.55 -0.87 2.63
N PHE A 179 -14.78 -0.41 2.41
CA PHE A 179 -15.65 0.18 3.46
C PHE A 179 -16.01 -0.88 4.49
N HIS A 180 -16.24 -2.12 4.05
CA HIS A 180 -16.49 -3.29 4.93
C HIS A 180 -15.28 -3.55 5.84
N ILE A 181 -14.06 -3.46 5.30
CA ILE A 181 -12.79 -3.65 6.08
C ILE A 181 -12.72 -2.57 7.17
N LEU A 182 -12.92 -1.29 6.81
CA LEU A 182 -12.88 -0.14 7.74
C LEU A 182 -13.88 -0.36 8.87
N TRP A 183 -15.09 -0.80 8.51
CA TRP A 183 -16.23 -1.05 9.43
C TRP A 183 -15.86 -2.13 10.46
N VAL A 184 -15.25 -3.23 10.00
CA VAL A 184 -14.82 -4.36 10.87
C VAL A 184 -13.62 -3.92 11.70
N MET A 185 -12.69 -3.17 11.11
CA MET A 185 -11.46 -2.73 11.82
C MET A 185 -11.85 -1.81 12.98
N LYS A 186 -12.83 -0.92 12.79
CA LYS A 186 -13.30 0.02 13.85
C LYS A 186 -13.90 -0.81 14.99
N LYS A 187 -14.75 -1.79 14.65
CA LYS A 187 -15.36 -2.78 15.59
C LYS A 187 -14.25 -3.47 16.37
N VAL A 188 -13.23 -3.99 15.68
CA VAL A 188 -12.05 -4.68 16.29
C VAL A 188 -11.38 -3.73 17.28
N ILE A 189 -11.13 -2.49 16.87
CA ILE A 189 -10.38 -1.49 17.69
C ILE A 189 -11.20 -1.09 18.92
N ASN A 190 -12.52 -0.95 18.77
CA ASN A 190 -13.46 -0.66 19.89
C ASN A 190 -13.39 -1.79 20.92
N GLU A 191 -13.57 -3.04 20.50
CA GLU A 191 -13.45 -4.24 21.38
C GLU A 191 -12.03 -4.30 21.97
N GLY A 192 -11.02 -3.94 21.18
CA GLY A 192 -9.61 -3.86 21.60
C GLY A 192 -9.41 -2.91 22.78
N LYS A 193 -10.21 -1.84 22.86
CA LYS A 193 -10.09 -0.81 23.91
C LYS A 193 -10.68 -1.31 25.23
N GLU A 194 -11.75 -2.11 25.16
CA GLU A 194 -12.31 -2.81 26.36
C GLU A 194 -11.24 -3.78 26.89
N GLY A 195 -10.96 -3.73 28.20
CA GLY A 195 -10.09 -4.70 28.89
C GLY A 195 -8.65 -4.23 29.06
N ILE A 196 -8.24 -3.11 28.45
CA ILE A 196 -6.83 -2.64 28.47
C ILE A 196 -6.71 -1.29 29.19
N SER A 197 -5.49 -0.92 29.60
CA SER A 197 -5.13 0.33 30.31
C SER A 197 -5.45 1.53 29.43
N PRO A 198 -5.73 2.72 30.02
CA PRO A 198 -5.89 3.96 29.25
C PRO A 198 -4.74 4.28 28.29
N ALA A 199 -3.50 3.98 28.68
CA ALA A 199 -2.28 4.13 27.85
C ALA A 199 -2.48 3.36 26.53
N GLY A 200 -2.88 2.09 26.61
CA GLY A 200 -3.08 1.20 25.46
C GLY A 200 -4.26 1.62 24.61
N GLN A 201 -5.30 2.18 25.21
CA GLN A 201 -6.50 2.70 24.49
C GLN A 201 -6.09 3.90 23.63
N LYS A 202 -5.12 4.69 24.11
CA LYS A 202 -4.57 5.89 23.43
C LYS A 202 -3.85 5.44 22.15
N ILE A 203 -2.99 4.42 22.23
CA ILE A 203 -2.24 3.86 21.07
C ILE A 203 -3.24 3.31 20.03
N LEU A 204 -4.27 2.58 20.45
CA LEU A 204 -5.31 2.02 19.55
C LEU A 204 -6.02 3.15 18.80
N SER A 205 -6.28 4.26 19.47
CA SER A 205 -6.87 5.49 18.87
C SER A 205 -5.98 5.96 17.70
N ASN A 206 -4.67 6.04 17.92
CA ASN A 206 -3.66 6.46 16.91
C ASN A 206 -3.59 5.42 15.79
N ILE A 207 -3.61 4.14 16.13
CA ILE A 207 -3.61 3.03 15.14
C ILE A 207 -4.79 3.23 14.19
N TRP A 208 -5.98 3.54 14.74
CA TRP A 208 -7.23 3.72 13.96
C TRP A 208 -7.07 4.86 12.96
N ILE A 209 -6.54 6.00 13.41
CA ILE A 209 -6.38 7.22 12.55
C ILE A 209 -5.35 6.89 11.47
N LEU A 210 -4.19 6.35 11.87
CA LEU A 210 -3.12 5.91 10.93
C LEU A 210 -3.74 4.96 9.90
N PHE A 211 -4.42 3.90 10.35
CA PHE A 211 -5.09 2.91 9.47
C PHE A 211 -5.99 3.64 8.48
N LEU A 212 -6.88 4.49 8.99
CA LEU A 212 -7.97 5.16 8.22
C LEU A 212 -7.35 6.05 7.13
N ILE A 213 -6.35 6.85 7.49
CA ILE A 213 -5.68 7.78 6.52
C ILE A 213 -4.83 6.94 5.56
N SER A 214 -3.87 6.17 6.10
CA SER A 214 -2.89 5.39 5.29
C SER A 214 -3.62 4.57 4.21
N TRP A 215 -4.71 3.90 4.56
CA TRP A 215 -5.44 2.98 3.65
C TRP A 215 -6.26 3.78 2.63
N THR A 216 -6.71 4.98 2.99
CA THR A 216 -7.53 5.87 2.12
C THR A 216 -6.64 6.49 1.03
N LEU A 217 -5.32 6.57 1.23
CA LEU A 217 -4.38 7.09 0.22
C LEU A 217 -4.35 6.20 -1.04
N TYR A 218 -4.70 4.92 -0.91
CA TYR A 218 -4.59 3.94 -2.03
C TYR A 218 -5.64 4.25 -3.09
N PRO A 219 -6.95 4.21 -2.79
CA PRO A 219 -7.96 4.62 -3.77
C PRO A 219 -7.76 6.06 -4.27
N GLY A 220 -7.12 6.92 -3.46
CA GLY A 220 -6.67 8.26 -3.90
C GLY A 220 -5.69 8.14 -5.04
N ALA A 221 -4.61 7.38 -4.85
CA ALA A 221 -3.51 7.14 -5.82
C ALA A 221 -4.06 6.43 -7.07
N TYR A 222 -4.98 5.48 -6.89
CA TYR A 222 -5.71 4.78 -7.98
C TYR A 222 -6.36 5.82 -8.90
N LEU A 223 -7.11 6.76 -8.31
CA LEU A 223 -7.91 7.79 -9.04
C LEU A 223 -7.04 8.98 -9.47
N MET A 224 -5.80 9.07 -8.98
CA MET A 224 -4.94 10.28 -9.05
C MET A 224 -4.93 10.88 -10.47
N PRO A 225 -4.76 10.07 -11.54
CA PRO A 225 -4.70 10.62 -12.90
C PRO A 225 -5.95 11.40 -13.34
N TYR A 226 -7.11 11.13 -12.75
CA TYR A 226 -8.44 11.63 -13.22
C TYR A 226 -9.07 12.62 -12.23
N LEU A 227 -8.32 13.10 -11.23
CA LEU A 227 -8.86 13.99 -10.16
C LEU A 227 -8.94 15.44 -10.66
N THR A 228 -8.47 15.73 -11.88
CA THR A 228 -8.56 17.07 -12.53
C THR A 228 -9.10 16.93 -13.98
N GLY A 229 -9.81 15.83 -14.28
CA GLY A 229 -10.38 15.56 -15.62
C GLY A 229 -9.39 14.87 -16.54
N VAL A 230 -9.75 14.71 -17.82
CA VAL A 230 -8.97 13.94 -18.84
C VAL A 230 -7.98 14.88 -19.56
N ASP A 231 -8.00 16.18 -19.26
CA ASP A 231 -7.04 17.16 -19.81
C ASP A 231 -6.43 17.97 -18.66
N GLY A 232 -6.42 17.42 -17.44
CA GLY A 232 -6.09 18.14 -16.20
C GLY A 232 -4.61 18.12 -15.87
N PHE A 233 -4.20 18.98 -14.94
CA PHE A 233 -2.82 19.08 -14.36
C PHE A 233 -2.26 17.68 -14.07
N LEU A 234 -3.07 16.77 -13.53
CA LEU A 234 -2.65 15.43 -13.04
C LEU A 234 -2.80 14.36 -14.13
N TYR A 235 -3.21 14.71 -15.34
CA TYR A 235 -3.29 13.75 -16.48
C TYR A 235 -1.99 13.86 -17.29
N SER A 236 -0.88 13.63 -16.60
CA SER A 236 0.51 13.95 -17.05
C SER A 236 1.52 13.22 -16.18
N GLU A 237 2.81 13.52 -16.37
CA GLU A 237 3.94 13.04 -15.53
C GLU A 237 3.73 13.44 -14.06
N ASP A 238 2.98 14.51 -13.81
CA ASP A 238 2.67 15.02 -12.43
C ASP A 238 1.73 14.05 -11.72
N GLY A 239 0.74 13.52 -12.44
CA GLY A 239 -0.15 12.44 -11.96
C GLY A 239 0.63 11.19 -11.60
N VAL A 240 1.62 10.81 -12.42
CA VAL A 240 2.52 9.64 -12.19
C VAL A 240 3.37 9.90 -10.95
N MET A 241 4.00 11.07 -10.86
CA MET A 241 4.80 11.49 -9.67
C MET A 241 3.94 11.32 -8.42
N ALA A 242 2.81 12.06 -8.35
CA ALA A 242 1.90 12.11 -7.18
C ALA A 242 1.51 10.69 -6.76
N ARG A 243 1.08 9.87 -7.72
CA ARG A 243 0.60 8.49 -7.48
C ARG A 243 1.68 7.66 -6.77
N GLN A 244 2.87 7.57 -7.36
CA GLN A 244 3.99 6.73 -6.86
C GLN A 244 4.47 7.27 -5.51
N LEU A 245 4.35 8.60 -5.30
CA LEU A 245 4.70 9.27 -4.02
C LEU A 245 3.65 8.90 -2.95
N VAL A 246 2.35 8.94 -3.30
CA VAL A 246 1.25 8.59 -2.36
C VAL A 246 1.31 7.09 -2.06
N TYR A 247 1.53 6.25 -3.06
CA TYR A 247 1.69 4.77 -2.90
C TYR A 247 2.81 4.49 -1.90
N THR A 248 3.95 5.20 -2.01
CA THR A 248 5.14 5.02 -1.14
C THR A 248 4.81 5.49 0.29
N ILE A 249 4.23 6.68 0.43
CA ILE A 249 3.79 7.25 1.75
C ILE A 249 2.85 6.24 2.40
N ALA A 250 1.87 5.75 1.64
CA ALA A 250 0.84 4.78 2.09
C ALA A 250 1.50 3.49 2.55
N ASP A 251 2.33 2.88 1.70
CA ASP A 251 3.05 1.60 1.97
C ASP A 251 3.92 1.74 3.23
N VAL A 252 4.60 2.88 3.42
CA VAL A 252 5.46 3.12 4.62
C VAL A 252 4.57 3.26 5.86
N SER A 253 3.43 3.94 5.75
CA SER A 253 2.52 4.24 6.88
C SER A 253 1.72 2.98 7.26
N SER A 254 1.21 2.25 6.26
CA SER A 254 0.30 1.09 6.43
C SER A 254 1.07 -0.15 6.92
N LYS A 255 2.38 -0.20 6.64
CA LYS A 255 3.17 -1.37 6.98
C LYS A 255 4.13 -1.06 8.13
N VAL A 256 4.99 -0.06 7.94
CA VAL A 256 6.08 0.18 8.88
C VAL A 256 5.54 0.91 10.11
N ILE A 257 4.88 2.06 9.94
CA ILE A 257 4.38 2.87 11.10
C ILE A 257 3.33 2.05 11.84
N TYR A 258 2.37 1.47 11.09
CA TYR A 258 1.35 0.53 11.61
C TYR A 258 1.99 -0.47 12.57
N GLY A 259 3.00 -1.19 12.08
CA GLY A 259 3.74 -2.23 12.83
C GLY A 259 4.41 -1.67 14.07
N VAL A 260 4.99 -0.47 13.99
CA VAL A 260 5.69 0.18 15.14
C VAL A 260 4.67 0.48 16.24
N LEU A 261 3.46 0.95 15.89
CA LEU A 261 2.40 1.30 16.88
C LEU A 261 1.83 0.03 17.53
N LEU A 262 1.71 -1.07 16.78
CA LEU A 262 1.22 -2.36 17.32
C LEU A 262 2.26 -2.95 18.29
N GLY A 263 3.54 -2.82 17.95
CA GLY A 263 4.66 -3.22 18.83
C GLY A 263 4.67 -2.40 20.10
N ASN A 264 4.44 -1.10 19.97
CA ASN A 264 4.34 -0.17 21.13
C ASN A 264 3.15 -0.59 21.97
N LEU A 265 2.00 -0.87 21.35
CA LEU A 265 0.79 -1.37 22.06
C LEU A 265 1.15 -2.67 22.80
N ALA A 266 1.76 -3.63 22.11
CA ALA A 266 2.18 -4.92 22.69
C ALA A 266 3.04 -4.65 23.93
N ILE A 267 3.99 -3.71 23.84
CA ILE A 267 4.95 -3.35 24.94
C ILE A 267 4.19 -2.75 26.14
N THR A 268 3.24 -1.84 25.92
CA THR A 268 2.50 -1.20 27.05
C THR A 268 1.57 -2.23 27.70
N LEU A 269 1.09 -3.22 26.95
CA LEU A 269 0.29 -4.35 27.50
C LEU A 269 1.21 -5.28 28.29
N SER A 270 2.31 -5.74 27.69
CA SER A 270 3.27 -6.72 28.26
C SER A 270 4.11 -6.07 29.37
N LYS A 271 4.43 -6.82 30.42
CA LYS A 271 5.28 -6.32 31.49
C LYS A 271 4.99 -5.05 32.23
N ASN A 272 3.90 -4.42 31.84
CA ASN A 272 3.36 -3.16 32.42
C ASN A 272 2.13 -3.72 33.14
N LYS A 273 2.04 -3.48 34.46
CA LYS A 273 0.95 -3.95 35.35
C LYS A 273 0.36 -2.74 36.10
#